data_6O8M
#
_entry.id   6O8M
#
_cell.length_a   46.509
_cell.length_b   46.509
_cell.length_c   158.468
_cell.angle_alpha   90.00
_cell.angle_beta   90.00
_cell.angle_gamma   120.00
#
_symmetry.space_group_name_H-M   'P 61 2 2'
#
loop_
_entity.id
_entity.type
_entity.pdbx_description
1 polymer 'Transcriptional regulator, ArsR family'
2 non-polymer N~1~,N~1~,N~2~,N~2~-tetramethylhydrazine-1,2-dicarboxamide
3 water water
#
_entity_poly.entity_id   1
_entity_poly.type   'polypeptide(L)'
_entity_poly.pdbx_seq_one_letter_code
;HMGSDTDERSAALDAEEMATRARAASNLLKALAHEGRLMIMCYLASGEKSVTELETRLSTRQAAVSQQLARLRLEGLVQS
RREGKTIYYSLSDPRAARVVQTVYEQFCSGD
;
_entity_poly.pdbx_strand_id   A
#
# COMPACT_ATOMS: atom_id res chain seq x y z
N GLU A 17 3.44 4.86 24.93
CA GLU A 17 4.65 4.15 25.31
C GLU A 17 5.52 3.87 24.10
N MET A 18 6.83 3.85 24.34
CA MET A 18 7.82 3.70 23.27
C MET A 18 7.82 2.29 22.69
N ALA A 19 7.52 1.27 23.50
CA ALA A 19 7.61 -0.10 23.03
C ALA A 19 6.46 -0.44 22.09
N THR A 20 5.22 -0.16 22.51
CA THR A 20 4.07 -0.55 21.71
C THR A 20 3.98 0.26 20.40
N ARG A 21 4.40 1.52 20.44
CA ARG A 21 4.46 2.30 19.21
C ARG A 21 5.62 1.87 18.33
N ALA A 22 6.69 1.33 18.93
CA ALA A 22 7.80 0.81 18.15
C ALA A 22 7.42 -0.50 17.45
N ARG A 23 6.48 -1.25 18.03
CA ARG A 23 6.05 -2.54 17.46
C ARG A 23 5.08 -2.26 16.33
N ALA A 24 4.19 -1.31 16.51
CA ALA A 24 3.29 -0.91 15.43
C ALA A 24 4.09 -0.36 14.26
N ALA A 25 5.08 0.48 14.54
CA ALA A 25 5.93 0.99 13.47
C ALA A 25 6.67 -0.15 12.80
N SER A 26 7.25 -1.04 13.60
CA SER A 26 7.99 -2.17 13.04
C SER A 26 7.08 -3.04 12.19
N ASN A 27 5.82 -3.21 12.60
CA ASN A 27 4.89 -4.03 11.82
C ASN A 27 4.51 -3.35 10.51
N LEU A 28 4.28 -2.04 10.51
CA LEU A 28 4.07 -1.36 9.25
C LEU A 28 5.26 -1.59 8.33
N LEU A 29 6.47 -1.43 8.86
CA LEU A 29 7.63 -1.55 8.01
C LEU A 29 7.75 -2.97 7.45
N LYS A 30 7.42 -3.99 8.25
CA LYS A 30 7.43 -5.36 7.73
C LYS A 30 6.45 -5.52 6.57
N ALA A 31 5.28 -4.90 6.69
CA ALA A 31 4.31 -4.96 5.59
C ALA A 31 4.82 -4.23 4.37
N LEU A 32 5.57 -3.15 4.57
CA LEU A 32 6.09 -2.36 3.46
C LEU A 32 7.36 -2.93 2.88
N ALA A 33 8.04 -3.83 3.61
CA ALA A 33 9.36 -4.33 3.24
C ALA A 33 9.27 -5.50 2.29
N HIS A 34 8.56 -5.26 1.20
CA HIS A 34 8.27 -6.28 0.21
C HIS A 34 8.02 -5.48 -1.05
N GLU A 35 8.75 -5.78 -2.12
CA GLU A 35 8.71 -4.92 -3.30
C GLU A 35 7.30 -4.80 -3.87
N GLY A 36 6.56 -5.91 -3.93
CA GLY A 36 5.22 -5.86 -4.51
C GLY A 36 4.26 -5.08 -3.65
N ARG A 37 4.27 -5.33 -2.34
CA ARG A 37 3.38 -4.57 -1.47
C ARG A 37 3.76 -3.10 -1.44
N LEU A 38 5.05 -2.80 -1.45
CA LEU A 38 5.49 -1.41 -1.46
C LEU A 38 5.00 -0.68 -2.70
N MET A 39 5.08 -1.33 -3.86
CA MET A 39 4.64 -0.67 -5.08
C MET A 39 3.16 -0.39 -5.06
N ILE A 40 2.35 -1.34 -4.57
CA ILE A 40 0.93 -1.06 -4.39
C ILE A 40 0.74 0.17 -3.51
N MET A 41 1.41 0.20 -2.36
CA MET A 41 1.24 1.33 -1.46
C MET A 41 1.68 2.63 -2.11
N CYS A 42 2.77 2.59 -2.90
CA CYS A 42 3.22 3.80 -3.58
C CYS A 42 2.18 4.30 -4.57
N TYR A 43 1.53 3.37 -5.29
CA TYR A 43 0.50 3.79 -6.21
C TYR A 43 -0.69 4.38 -5.48
N LEU A 44 -1.08 3.78 -4.36
CA LEU A 44 -2.20 4.32 -3.59
C LEU A 44 -1.84 5.63 -2.90
N ALA A 45 -0.55 5.90 -2.72
CA ALA A 45 -0.13 7.14 -2.06
C ALA A 45 -0.47 8.36 -2.86
N SER A 46 -0.76 8.22 -4.16
CA SER A 46 -1.16 9.32 -5.00
C SER A 46 -2.67 9.44 -5.12
N GLY A 47 -3.42 8.54 -4.50
CA GLY A 47 -4.86 8.58 -4.55
C GLY A 47 -5.46 7.22 -4.83
N GLU A 48 -6.77 7.17 -4.68
CA GLU A 48 -7.52 5.94 -4.87
C GLU A 48 -7.33 5.39 -6.28
N LYS A 49 -7.20 4.06 -6.37
CA LYS A 49 -6.96 3.36 -7.62
C LYS A 49 -7.87 2.15 -7.72
N SER A 50 -8.41 1.91 -8.90
CA SER A 50 -9.14 0.67 -9.12
C SER A 50 -8.17 -0.51 -9.19
N VAL A 51 -8.68 -1.71 -8.94
CA VAL A 51 -7.87 -2.90 -9.13
C VAL A 51 -7.36 -2.98 -10.56
N THR A 52 -8.22 -2.65 -11.54
CA THR A 52 -7.76 -2.66 -12.93
C THR A 52 -6.57 -1.72 -13.12
N GLU A 53 -6.63 -0.50 -12.56
CA GLU A 53 -5.50 0.40 -12.71
C GLU A 53 -4.26 -0.17 -12.02
N LEU A 54 -4.41 -0.70 -10.82
CA LEU A 54 -3.25 -1.25 -10.13
C LEU A 54 -2.59 -2.34 -10.94
N GLU A 55 -3.38 -3.29 -11.47
CA GLU A 55 -2.78 -4.38 -12.24
C GLU A 55 -2.20 -3.88 -13.57
N THR A 56 -2.80 -2.85 -14.17
CA THR A 56 -2.19 -2.26 -15.36
C THR A 56 -0.80 -1.71 -15.05
N ARG A 57 -0.63 -1.07 -13.90
CA ARG A 57 0.63 -0.45 -13.56
C ARG A 57 1.64 -1.46 -13.03
N LEU A 58 1.19 -2.50 -12.35
CA LEU A 58 2.09 -3.47 -11.78
C LEU A 58 2.43 -4.57 -12.78
N SER A 59 3.65 -5.07 -12.70
CA SER A 59 4.05 -6.24 -13.48
C SER A 59 3.76 -7.54 -12.74
N THR A 60 3.44 -7.45 -11.46
CA THR A 60 3.09 -8.61 -10.65
C THR A 60 1.97 -9.43 -11.28
N ARG A 61 2.03 -10.75 -11.12
CA ARG A 61 1.05 -11.76 -11.54
C ARG A 61 -0.22 -11.57 -10.70
N GLN A 62 -1.39 -11.89 -11.23
CA GLN A 62 -2.64 -11.51 -10.58
C GLN A 62 -2.81 -12.19 -9.23
N ALA A 63 -2.44 -13.46 -9.13
CA ALA A 63 -2.59 -14.16 -7.85
C ALA A 63 -1.74 -13.49 -6.77
N ALA A 64 -0.55 -13.04 -7.15
CA ALA A 64 0.32 -12.37 -6.20
C ALA A 64 -0.25 -11.03 -5.77
N VAL A 65 -0.74 -10.24 -6.74
CA VAL A 65 -1.37 -8.98 -6.38
C VAL A 65 -2.52 -9.22 -5.43
N SER A 66 -3.29 -10.29 -5.64
CA SER A 66 -4.44 -10.54 -4.80
C SER A 66 -4.02 -10.83 -3.37
N GLN A 67 -2.99 -11.65 -3.17
CA GLN A 67 -2.54 -11.89 -1.81
C GLN A 67 -1.98 -10.60 -1.18
N GLN A 68 -1.26 -9.81 -1.97
CA GLN A 68 -0.62 -8.61 -1.44
C GLN A 68 -1.66 -7.60 -1.00
N LEU A 69 -2.71 -7.42 -1.79
CA LEU A 69 -3.79 -6.54 -1.39
C LEU A 69 -4.44 -7.04 -0.11
N ALA A 70 -4.63 -8.36 0.00
CA ALA A 70 -5.24 -8.93 1.20
C ALA A 70 -4.38 -8.66 2.43
N ARG A 71 -3.05 -8.79 2.28
CA ARG A 71 -2.15 -8.50 3.39
C ARG A 71 -2.22 -7.04 3.81
N LEU A 72 -2.18 -6.13 2.84
CA LEU A 72 -2.28 -4.72 3.17
C LEU A 72 -3.62 -4.41 3.84
N ARG A 73 -4.69 -5.09 3.43
CA ARG A 73 -5.98 -4.91 4.08
C ARG A 73 -5.93 -5.42 5.52
N LEU A 74 -5.42 -6.63 5.72
CA LEU A 74 -5.32 -7.22 7.06
C LEU A 74 -4.58 -6.28 8.00
N GLU A 75 -3.52 -5.65 7.52
CA GLU A 75 -2.70 -4.76 8.32
C GLU A 75 -3.36 -3.42 8.55
N GLY A 76 -4.53 -3.16 7.97
CA GLY A 76 -5.22 -1.92 8.18
C GLY A 76 -4.69 -0.78 7.34
N LEU A 77 -3.91 -1.09 6.31
CA LEU A 77 -3.22 -0.08 5.55
C LEU A 77 -4.00 0.38 4.34
N VAL A 78 -4.89 -0.47 3.81
CA VAL A 78 -5.73 -0.12 2.68
C VAL A 78 -7.17 -0.49 3.04
N GLN A 79 -8.09 0.19 2.37
CA GLN A 79 -9.52 -0.08 2.41
C GLN A 79 -9.99 -0.08 0.96
N SER A 80 -11.23 -0.50 0.74
CA SER A 80 -11.75 -0.48 -0.62
C SER A 80 -13.25 -0.23 -0.62
N ARG A 81 -13.73 0.22 -1.77
CA ARG A 81 -15.14 0.45 -1.98
C ARG A 81 -15.52 -0.04 -3.37
N ARG A 82 -16.80 -0.30 -3.55
CA ARG A 82 -17.33 -0.76 -4.81
C ARG A 82 -18.13 0.37 -5.45
N GLU A 83 -17.91 0.58 -6.73
CA GLU A 83 -18.73 1.49 -7.51
C GLU A 83 -19.10 0.71 -8.76
N GLY A 84 -20.35 0.28 -8.83
CA GLY A 84 -20.73 -0.58 -9.93
C GLY A 84 -19.97 -1.88 -9.84
N LYS A 85 -19.20 -2.19 -10.87
CA LYS A 85 -18.42 -3.44 -10.90
C LYS A 85 -16.94 -3.13 -10.68
N THR A 86 -16.63 -1.90 -10.31
CA THR A 86 -15.26 -1.52 -10.06
C THR A 86 -14.98 -1.56 -8.56
N ILE A 87 -13.80 -2.07 -8.21
CA ILE A 87 -13.29 -2.03 -6.84
C ILE A 87 -12.18 -1.00 -6.77
N TYR A 88 -12.36 0.01 -5.92
CA TYR A 88 -11.36 1.06 -5.70
C TYR A 88 -10.68 0.87 -4.36
N TYR A 89 -9.36 0.78 -4.37
CA TYR A 89 -8.57 0.73 -3.15
C TYR A 89 -8.03 2.11 -2.82
N SER A 90 -7.85 2.37 -1.52
CA SER A 90 -7.24 3.61 -1.07
C SER A 90 -6.49 3.34 0.22
N LEU A 91 -5.58 4.26 0.55
CA LEU A 91 -4.88 4.17 1.82
C LEU A 91 -5.83 4.49 2.97
N SER A 92 -5.72 3.72 4.05
CA SER A 92 -6.63 3.88 5.17
C SER A 92 -5.95 4.28 6.47
N ASP A 93 -4.68 4.00 6.64
CA ASP A 93 -3.94 4.36 7.84
C ASP A 93 -3.12 5.60 7.52
N PRO A 94 -3.40 6.75 8.13
CA PRO A 94 -2.66 7.96 7.74
C PRO A 94 -1.19 7.93 8.13
N ARG A 95 -0.82 7.18 9.16
CA ARG A 95 0.60 7.07 9.48
C ARG A 95 1.33 6.38 8.35
N ALA A 96 0.76 5.27 7.86
CA ALA A 96 1.37 4.53 6.77
C ALA A 96 1.37 5.38 5.51
N ALA A 97 0.32 6.15 5.28
CA ALA A 97 0.27 6.99 4.10
C ALA A 97 1.46 7.94 4.08
N ARG A 98 1.74 8.59 5.21
CA ARG A 98 2.81 9.56 5.25
C ARG A 98 4.16 8.89 5.11
N VAL A 99 4.33 7.74 5.76
CA VAL A 99 5.58 6.99 5.61
C VAL A 99 5.81 6.63 4.14
N VAL A 100 4.78 6.12 3.48
CA VAL A 100 4.93 5.72 2.07
C VAL A 100 5.18 6.94 1.20
N GLN A 101 4.52 8.06 1.49
CA GLN A 101 4.78 9.25 0.70
C GLN A 101 6.22 9.70 0.83
N THR A 102 6.80 9.57 2.02
CA THR A 102 8.20 9.91 2.18
C THR A 102 9.09 8.95 1.41
N VAL A 103 8.81 7.64 1.50
CA VAL A 103 9.56 6.66 0.73
C VAL A 103 9.50 6.98 -0.75
N TYR A 104 8.29 7.24 -1.25
CA TYR A 104 8.09 7.49 -2.68
C TYR A 104 8.85 8.72 -3.12
N GLU A 105 8.75 9.80 -2.35
CA GLU A 105 9.46 11.03 -2.71
C GLU A 105 10.96 10.82 -2.65
N GLN A 106 11.45 10.21 -1.58
CA GLN A 106 12.89 10.06 -1.40
C GLN A 106 13.48 9.11 -2.41
N PHE A 107 12.84 7.98 -2.65
CA PHE A 107 13.42 6.96 -3.50
C PHE A 107 13.13 7.17 -4.97
N CYS A 108 12.14 7.99 -5.32
CA CYS A 108 11.98 8.29 -6.74
C CYS A 108 12.82 9.49 -7.16
N SER A 109 13.47 10.18 -6.22
CA SER A 109 14.30 11.32 -6.56
C SER A 109 15.65 10.82 -7.07
N GLY A 110 16.07 11.40 -8.16
CA GLY A 110 17.37 11.16 -8.77
C GLY A 110 18.45 11.89 -8.02
N ASP A 111 19.67 11.64 -8.43
CA ASP A 111 20.77 12.31 -7.72
C ASP A 111 21.44 13.25 -8.70
#